data_8WFC
#
_entry.id   8WFC
#
_cell.length_a   110.681
_cell.length_b   110.681
_cell.length_c   69.781
_cell.angle_alpha   90.000
_cell.angle_beta   90.000
_cell.angle_gamma   90.000
#
_symmetry.space_group_name_H-M   'P 43 2 2'
#
loop_
_entity.id
_entity.type
_entity.pdbx_description
1 polymer 'Bifunctional protein FolD'
2 water water
#
_entity_poly.entity_id   1
_entity_poly.type   'polypeptide(L)'
_entity_poly.pdbx_seq_one_letter_code
;METTYKLLDGKKISGEIKQEIAAVVNELLEKGGRRPHLAGVLVGHDGGSETYMASKVKACEEVGFTSSLIRYEDDVTEEE
LLACVHRLNQDPTVDGFIVQLPLPKHIDEQKIIEAVDPRKDVDGFHPINVGRLSIGLPGFVSATPKGIVELLRRYNIPTR
GKHCVVLGRSNIVGKPVSQLLLQKGEPGDCTITICHSRTPNIKEVCLTADIIIAALGQPEFLTADMVKPGAVVVDVGTTL
VPDSTRKSGFRLTGDVKFDEVAPKCSYITPVPGGVGPMTIVSLMSNTLLASKGLYR
;
_entity_poly.pdbx_strand_id   A
#
# COMPACT_ATOMS: atom_id res chain seq x y z
N THR A 4 23.59 15.33 -3.93
CA THR A 4 23.19 15.53 -5.33
C THR A 4 21.88 14.77 -5.64
N TYR A 5 21.67 13.62 -5.00
CA TYR A 5 20.39 12.93 -5.12
C TYR A 5 19.42 13.45 -4.07
N LYS A 6 18.12 13.35 -4.36
CA LYS A 6 17.07 13.77 -3.45
C LYS A 6 16.32 12.57 -2.89
N LEU A 7 15.98 12.65 -1.60
CA LEU A 7 15.22 11.59 -0.96
C LEU A 7 13.76 11.66 -1.34
N LEU A 8 13.14 10.49 -1.55
CA LEU A 8 11.68 10.41 -1.56
C LEU A 8 11.34 10.08 -0.12
N ASP A 9 11.04 11.14 0.64
CA ASP A 9 11.01 11.09 2.10
C ASP A 9 9.62 10.64 2.53
N GLY A 10 9.47 9.35 2.81
CA GLY A 10 8.17 8.80 3.21
C GLY A 10 7.76 9.27 4.59
N LYS A 11 8.69 9.29 5.54
CA LYS A 11 8.41 9.78 6.91
C LYS A 11 7.80 11.18 6.78
N LYS A 12 8.49 12.06 6.06
CA LYS A 12 8.02 13.46 5.92
C LYS A 12 6.66 13.52 5.23
N ILE A 13 6.52 12.90 4.06
CA ILE A 13 5.26 13.03 3.34
C ILE A 13 4.11 12.44 4.16
N SER A 14 4.35 11.27 4.78
CA SER A 14 3.40 10.67 5.70
C SER A 14 2.89 11.69 6.71
N GLY A 15 3.84 12.37 7.35
CA GLY A 15 3.52 13.38 8.36
C GLY A 15 2.55 14.41 7.84
N GLU A 16 2.79 14.91 6.63
CA GLU A 16 1.92 15.97 6.07
C GLU A 16 0.53 15.43 5.74
N ILE A 17 0.45 14.16 5.38
CA ILE A 17 -0.89 13.58 5.05
C ILE A 17 -1.64 13.37 6.36
N LYS A 18 -0.95 12.90 7.40
CA LYS A 18 -1.59 12.69 8.72
C LYS A 18 -2.20 14.03 9.16
N GLN A 19 -1.44 15.10 9.04
CA GLN A 19 -1.90 16.46 9.41
C GLN A 19 -3.11 16.82 8.56
N GLU A 20 -3.08 16.49 7.27
CA GLU A 20 -4.24 16.81 6.42
C GLU A 20 -5.45 16.00 6.89
N ILE A 21 -5.23 14.75 7.31
CA ILE A 21 -6.39 13.93 7.75
C ILE A 21 -6.98 14.52 9.03
N ALA A 22 -6.13 14.90 9.98
CA ALA A 22 -6.61 15.48 11.24
C ALA A 22 -7.47 16.69 10.99
N ALA A 23 -7.03 17.56 10.05
CA ALA A 23 -7.78 18.77 9.72
C ALA A 23 -9.18 18.42 9.21
N VAL A 24 -9.30 17.40 8.35
CA VAL A 24 -10.63 17.03 7.87
C VAL A 24 -11.48 16.47 9.01
N VAL A 25 -10.87 15.69 9.91
CA VAL A 25 -11.63 15.10 11.01
C VAL A 25 -12.02 16.18 12.01
N ASN A 26 -11.08 17.06 12.38
CA ASN A 26 -11.39 18.19 13.26
C ASN A 26 -12.55 19.01 12.70
N GLU A 27 -12.48 19.32 11.41
CA GLU A 27 -13.58 20.04 10.77
C GLU A 27 -14.90 19.26 10.89
N LEU A 28 -14.86 17.95 10.68
CA LEU A 28 -16.07 17.15 10.77
C LEU A 28 -16.63 17.13 12.18
N LEU A 29 -15.73 17.15 13.17
CA LEU A 29 -16.12 17.12 14.60
C LEU A 29 -16.77 18.45 14.98
N GLU A 30 -16.21 19.56 14.50
CA GLU A 30 -16.74 20.90 14.81
C GLU A 30 -18.19 21.02 14.36
N LYS A 31 -18.55 20.45 13.20
CA LYS A 31 -19.95 20.49 12.72
C LYS A 31 -20.76 19.34 13.32
N GLY A 32 -20.35 18.80 14.47
CA GLY A 32 -21.11 17.77 15.14
C GLY A 32 -21.18 16.44 14.39
N GLY A 33 -20.03 15.78 14.24
CA GLY A 33 -19.98 14.44 13.68
C GLY A 33 -19.05 13.58 14.51
N ARG A 34 -19.04 12.29 14.17
CA ARG A 34 -18.20 11.34 14.90
C ARG A 34 -16.93 11.02 14.11
N ARG A 35 -15.88 10.65 14.84
CA ARG A 35 -14.62 10.32 14.20
C ARG A 35 -14.76 9.06 13.34
N PRO A 36 -13.99 8.97 12.25
CA PRO A 36 -14.02 7.74 11.46
C PRO A 36 -13.57 6.55 12.28
N HIS A 37 -14.04 5.36 11.89
CA HIS A 37 -13.83 4.13 12.64
C HIS A 37 -13.30 3.06 11.71
N LEU A 38 -12.14 2.48 12.05
CA LEU A 38 -11.58 1.33 11.34
C LEU A 38 -11.65 0.10 12.23
N ALA A 39 -12.38 -0.91 11.78
CA ALA A 39 -12.45 -2.18 12.49
C ALA A 39 -11.50 -3.20 11.86
N GLY A 40 -10.94 -4.06 12.69
CA GLY A 40 -10.08 -5.13 12.21
C GLY A 40 -10.50 -6.47 12.76
N VAL A 41 -10.35 -7.51 11.93
CA VAL A 41 -10.63 -8.89 12.31
C VAL A 41 -9.33 -9.66 12.31
N LEU A 42 -9.04 -10.33 13.43
CA LEU A 42 -7.84 -11.15 13.57
C LEU A 42 -8.24 -12.56 13.93
N VAL A 43 -7.60 -13.55 13.32
CA VAL A 43 -7.83 -14.94 13.67
C VAL A 43 -6.50 -15.60 13.98
N GLY A 44 -6.44 -16.32 15.08
CA GLY A 44 -5.19 -16.90 15.53
C GLY A 44 -4.28 -15.90 16.20
N HIS A 45 -3.12 -16.39 16.62
CA HIS A 45 -2.14 -15.62 17.37
C HIS A 45 -0.77 -15.61 16.69
N ASP A 46 -0.77 -15.57 15.35
CA ASP A 46 0.45 -15.33 14.60
C ASP A 46 1.11 -14.04 15.08
N GLY A 47 2.42 -14.13 15.36
CA GLY A 47 3.12 -12.97 15.88
C GLY A 47 3.31 -11.87 14.84
N GLY A 48 3.56 -12.26 13.59
CA GLY A 48 3.72 -11.28 12.52
C GLY A 48 2.48 -10.44 12.35
N SER A 49 1.38 -11.10 11.94
CA SER A 49 0.05 -10.49 11.74
C SER A 49 -0.33 -9.68 12.98
N GLU A 50 0.10 -10.13 14.16
CA GLU A 50 -0.21 -9.40 15.41
C GLU A 50 0.44 -8.02 15.36
N THR A 51 1.69 -7.96 14.89
CA THR A 51 2.42 -6.68 14.81
C THR A 51 1.81 -5.83 13.70
N TYR A 52 1.36 -6.48 12.65
CA TYR A 52 0.76 -5.77 11.50
C TYR A 52 -0.50 -5.05 12.00
N MET A 53 -1.32 -5.73 12.79
CA MET A 53 -2.57 -5.11 13.32
C MET A 53 -2.17 -3.98 14.27
N ALA A 54 -1.26 -4.25 15.19
CA ALA A 54 -0.82 -3.25 16.18
C ALA A 54 -0.39 -1.96 15.48
N SER A 55 0.33 -2.09 14.38
CA SER A 55 0.78 -0.93 13.62
C SER A 55 -0.39 -0.11 13.11
N LYS A 56 -1.45 -0.79 12.66
CA LYS A 56 -2.62 -0.07 12.16
C LYS A 56 -3.43 0.54 13.30
N VAL A 57 -3.33 -0.01 14.50
CA VAL A 57 -3.96 0.62 15.66
C VAL A 57 -3.26 1.93 16.00
N LYS A 58 -1.92 1.90 16.12
CA LYS A 58 -1.19 3.11 16.42
C LYS A 58 -1.50 4.22 15.43
N ALA A 59 -1.64 3.87 14.15
CA ALA A 59 -1.87 4.87 13.13
C ALA A 59 -3.22 5.57 13.31
N CYS A 60 -4.23 4.79 13.69
CA CYS A 60 -5.59 5.33 13.92
C CYS A 60 -5.52 6.36 15.07
N GLU A 61 -4.66 6.10 16.05
CA GLU A 61 -4.50 7.01 17.20
C GLU A 61 -4.07 8.38 16.66
N GLU A 62 -2.94 8.38 15.96
CA GLU A 62 -2.28 9.59 15.42
C GLU A 62 -3.18 10.39 14.48
N VAL A 63 -4.05 9.75 13.72
CA VAL A 63 -4.87 10.55 12.78
C VAL A 63 -6.20 10.91 13.43
N GLY A 64 -6.47 10.30 14.57
CA GLY A 64 -7.72 10.58 15.26
C GLY A 64 -8.89 9.73 14.80
N PHE A 65 -8.65 8.43 14.61
CA PHE A 65 -9.71 7.49 14.24
C PHE A 65 -10.05 6.62 15.44
N THR A 66 -11.33 6.30 15.58
CA THR A 66 -11.73 5.16 16.41
C THR A 66 -11.24 3.86 15.77
N SER A 67 -10.88 2.90 16.61
CA SER A 67 -10.44 1.59 16.13
C SER A 67 -11.10 0.47 16.93
N SER A 68 -11.53 -0.58 16.22
CA SER A 68 -12.06 -1.82 16.77
C SER A 68 -11.13 -2.96 16.38
N LEU A 69 -11.03 -3.95 17.25
CA LEU A 69 -10.32 -5.18 16.91
C LEU A 69 -11.05 -6.37 17.52
N ILE A 70 -11.48 -7.31 16.67
CA ILE A 70 -12.05 -8.58 17.10
C ILE A 70 -10.98 -9.66 16.92
N ARG A 71 -10.86 -10.54 17.92
CA ARG A 71 -9.87 -11.61 17.92
C ARG A 71 -10.58 -12.95 18.01
N TYR A 72 -10.48 -13.75 16.96
CA TYR A 72 -10.99 -15.12 17.00
C TYR A 72 -9.84 -16.10 17.20
N GLU A 73 -10.18 -17.27 17.74
CA GLU A 73 -9.26 -18.39 17.76
C GLU A 73 -9.26 -19.04 16.39
N ASP A 74 -8.15 -19.71 16.03
CA ASP A 74 -8.04 -20.15 14.65
C ASP A 74 -8.87 -21.39 14.36
N ASP A 75 -9.73 -21.84 15.27
CA ASP A 75 -10.73 -22.86 14.95
C ASP A 75 -12.08 -22.24 14.63
N VAL A 76 -12.16 -20.91 14.54
CA VAL A 76 -13.41 -20.28 14.13
C VAL A 76 -13.85 -20.89 12.80
N THR A 77 -15.16 -21.07 12.65
CA THR A 77 -15.72 -21.62 11.42
C THR A 77 -15.83 -20.55 10.35
N GLU A 78 -15.81 -21.01 9.09
CA GLU A 78 -16.14 -20.13 7.98
C GLU A 78 -17.46 -19.44 8.21
N GLU A 79 -18.42 -20.14 8.82
CA GLU A 79 -19.76 -19.58 8.97
C GLU A 79 -19.77 -18.43 9.98
N GLU A 80 -19.01 -18.55 11.08
CA GLU A 80 -19.00 -17.45 12.04
C GLU A 80 -18.18 -16.28 11.51
N LEU A 81 -17.14 -16.56 10.75
CA LEU A 81 -16.35 -15.48 10.19
C LEU A 81 -17.15 -14.71 9.15
N LEU A 82 -17.88 -15.43 8.29
CA LEU A 82 -18.75 -14.76 7.35
C LEU A 82 -19.82 -13.93 8.06
N ALA A 83 -20.34 -14.44 9.19
CA ALA A 83 -21.32 -13.67 9.94
C ALA A 83 -20.71 -12.39 10.49
N CYS A 84 -19.45 -12.46 10.93
CA CYS A 84 -18.76 -11.27 11.38
C CYS A 84 -18.60 -10.26 10.23
N VAL A 85 -18.20 -10.73 9.05
CA VAL A 85 -18.07 -9.82 7.90
C VAL A 85 -19.40 -9.13 7.61
N HIS A 86 -20.49 -9.89 7.57
CA HIS A 86 -21.82 -9.31 7.29
C HIS A 86 -22.21 -8.32 8.39
N ARG A 87 -21.92 -8.63 9.64
CA ARG A 87 -22.24 -7.69 10.74
C ARG A 87 -21.50 -6.38 10.53
N LEU A 88 -20.20 -6.44 10.24
CA LEU A 88 -19.39 -5.24 10.01
C LEU A 88 -19.90 -4.49 8.76
N ASN A 89 -20.23 -5.21 7.69
CA ASN A 89 -20.84 -4.55 6.53
C ASN A 89 -22.03 -3.70 6.94
N GLN A 90 -22.85 -4.24 7.85
CA GLN A 90 -24.13 -3.63 8.18
C GLN A 90 -24.05 -2.66 9.35
N ASP A 91 -22.91 -2.55 10.00
CA ASP A 91 -22.76 -1.68 11.16
C ASP A 91 -22.45 -0.25 10.72
N PRO A 92 -23.40 0.68 10.85
CA PRO A 92 -23.17 2.05 10.35
C PRO A 92 -22.15 2.83 11.17
N THR A 93 -21.68 2.30 12.29
CA THR A 93 -20.63 2.96 13.05
C THR A 93 -19.23 2.59 12.56
N VAL A 94 -19.13 1.62 11.65
CA VAL A 94 -17.86 1.14 11.10
C VAL A 94 -17.75 1.65 9.66
N ASP A 95 -16.78 2.52 9.41
CA ASP A 95 -16.64 3.07 8.06
C ASP A 95 -15.87 2.13 7.13
N GLY A 96 -14.78 1.55 7.61
CA GLY A 96 -14.09 0.54 6.85
C GLY A 96 -13.59 -0.56 7.77
N PHE A 97 -13.33 -1.72 7.19
CA PHE A 97 -12.73 -2.76 8.02
C PHE A 97 -11.82 -3.63 7.18
N ILE A 98 -10.93 -4.34 7.88
CA ILE A 98 -9.91 -5.16 7.26
C ILE A 98 -9.91 -6.52 7.95
N VAL A 99 -9.64 -7.55 7.17
CA VAL A 99 -9.50 -8.91 7.66
C VAL A 99 -8.04 -9.28 7.51
N GLN A 100 -7.38 -9.51 8.64
CA GLN A 100 -5.92 -9.82 8.61
C GLN A 100 -5.68 -11.15 7.92
N LEU A 101 -4.78 -11.17 6.94
CA LEU A 101 -4.43 -12.42 6.22
C LEU A 101 -3.01 -12.82 6.60
N PRO A 102 -2.62 -14.10 6.54
CA PRO A 102 -3.48 -15.15 6.02
C PRO A 102 -4.45 -15.72 7.05
N LEU A 103 -5.45 -16.45 6.59
CA LEU A 103 -6.43 -17.08 7.50
C LEU A 103 -6.10 -18.57 7.61
N PRO A 104 -6.68 -19.34 8.54
CA PRO A 104 -6.42 -20.77 8.64
C PRO A 104 -6.74 -21.54 7.36
N LYS A 105 -6.05 -22.65 7.14
CA LYS A 105 -6.22 -23.50 5.94
C LYS A 105 -7.68 -23.86 5.67
N HIS A 106 -8.47 -24.18 6.70
CA HIS A 106 -9.90 -24.57 6.52
C HIS A 106 -10.82 -23.42 6.11
N ILE A 107 -10.36 -22.17 6.17
CA ILE A 107 -11.20 -21.01 5.78
C ILE A 107 -10.89 -20.65 4.32
N ASP A 108 -11.92 -20.38 3.55
CA ASP A 108 -11.74 -19.95 2.14
C ASP A 108 -11.53 -18.43 2.14
N GLU A 109 -10.29 -18.00 2.06
CA GLU A 109 -9.95 -16.55 2.08
C GLU A 109 -10.74 -15.81 1.00
N GLN A 110 -10.80 -16.37 -0.21
CA GLN A 110 -11.53 -15.71 -1.31
C GLN A 110 -12.98 -15.49 -0.89
N LYS A 111 -13.64 -16.50 -0.33
CA LYS A 111 -15.03 -16.34 0.11
C LYS A 111 -15.15 -15.26 1.16
N ILE A 112 -14.26 -15.27 2.16
CA ILE A 112 -14.33 -14.27 3.22
C ILE A 112 -14.17 -12.87 2.64
N ILE A 113 -13.11 -12.64 1.85
CA ILE A 113 -12.85 -11.30 1.35
C ILE A 113 -13.97 -10.85 0.41
N GLU A 114 -14.44 -11.74 -0.47
CA GLU A 114 -15.50 -11.34 -1.40
C GLU A 114 -16.81 -11.05 -0.67
N ALA A 115 -16.96 -11.52 0.57
CA ALA A 115 -18.13 -11.16 1.36
C ALA A 115 -18.06 -9.72 1.89
N VAL A 116 -16.88 -9.10 1.87
CA VAL A 116 -16.75 -7.72 2.31
C VAL A 116 -17.51 -6.79 1.37
N ASP A 117 -18.20 -5.81 1.92
CA ASP A 117 -18.83 -4.77 1.08
C ASP A 117 -17.69 -3.94 0.48
N PRO A 118 -17.59 -3.74 -0.84
CA PRO A 118 -16.50 -2.95 -1.43
C PRO A 118 -16.38 -1.53 -0.86
N ARG A 119 -17.51 -0.91 -0.52
CA ARG A 119 -17.57 0.43 0.09
C ARG A 119 -16.81 0.47 1.42
N LYS A 120 -16.53 -0.67 2.06
CA LYS A 120 -15.78 -0.65 3.34
C LYS A 120 -14.44 -1.36 3.18
N ASP A 121 -14.07 -1.73 1.95
CA ASP A 121 -12.88 -2.55 1.73
C ASP A 121 -11.67 -1.62 1.59
N VAL A 122 -11.26 -1.05 2.74
CA VAL A 122 -10.23 -0.03 2.74
C VAL A 122 -8.83 -0.58 2.48
N ASP A 123 -8.63 -1.90 2.62
CA ASP A 123 -7.43 -2.56 2.12
C ASP A 123 -7.42 -2.70 0.60
N GLY A 124 -8.57 -2.51 -0.05
CA GLY A 124 -8.68 -2.75 -1.48
C GLY A 124 -8.42 -4.18 -1.88
N PHE A 125 -8.71 -5.15 -1.01
CA PHE A 125 -8.44 -6.56 -1.30
C PHE A 125 -9.57 -7.25 -2.03
N HIS A 126 -10.75 -6.67 -2.07
CA HIS A 126 -11.88 -7.30 -2.74
C HIS A 126 -11.60 -7.37 -4.23
N PRO A 127 -11.72 -8.54 -4.86
CA PRO A 127 -11.45 -8.63 -6.31
C PRO A 127 -12.24 -7.62 -7.14
N ILE A 128 -13.38 -7.14 -6.65
CA ILE A 128 -14.10 -6.13 -7.42
C ILE A 128 -13.36 -4.80 -7.40
N ASN A 129 -12.66 -4.49 -6.31
CA ASN A 129 -11.87 -3.26 -6.31
C ASN A 129 -10.60 -3.43 -7.12
N VAL A 130 -9.99 -4.62 -7.06
CA VAL A 130 -8.85 -4.92 -7.93
C VAL A 130 -9.25 -4.77 -9.39
N GLY A 131 -10.46 -5.24 -9.74
CA GLY A 131 -10.90 -5.13 -11.12
C GLY A 131 -11.27 -3.71 -11.50
N ARG A 132 -11.94 -2.99 -10.60
CA ARG A 132 -12.24 -1.58 -10.86
C ARG A 132 -10.96 -0.79 -11.12
N LEU A 133 -9.91 -1.06 -10.35
CA LEU A 133 -8.63 -0.39 -10.56
C LEU A 133 -8.11 -0.64 -11.98
N SER A 134 -8.09 -1.91 -12.41
CA SER A 134 -7.60 -2.21 -13.76
C SER A 134 -8.43 -1.50 -14.84
N ILE A 135 -9.75 -1.50 -14.67
CA ILE A 135 -10.63 -0.93 -15.70
C ILE A 135 -10.54 0.59 -15.71
N GLY A 136 -10.30 1.21 -14.56
CA GLY A 136 -10.38 2.64 -14.42
C GLY A 136 -11.66 3.15 -13.79
N LEU A 137 -12.34 2.33 -12.97
CA LEU A 137 -13.54 2.76 -12.28
C LEU A 137 -13.22 3.11 -10.83
N PRO A 138 -14.01 3.96 -10.17
CA PRO A 138 -13.72 4.26 -8.76
C PRO A 138 -13.80 3.01 -7.89
N GLY A 139 -12.87 2.91 -6.95
CA GLY A 139 -12.83 1.82 -5.99
C GLY A 139 -11.60 2.03 -5.13
N PHE A 140 -11.52 1.26 -4.05
CA PHE A 140 -10.39 1.43 -3.16
C PHE A 140 -9.13 0.86 -3.80
N VAL A 141 -8.07 1.65 -3.82
CA VAL A 141 -6.75 1.21 -4.24
C VAL A 141 -6.02 0.68 -3.01
N SER A 142 -5.41 -0.50 -3.13
CA SER A 142 -4.76 -1.08 -1.96
C SER A 142 -3.62 -0.17 -1.50
N ALA A 143 -3.27 -0.29 -0.21
CA ALA A 143 -2.51 0.76 0.48
C ALA A 143 -1.10 0.89 -0.07
N THR A 144 -0.41 -0.23 -0.31
CA THR A 144 0.99 -0.15 -0.73
C THR A 144 1.16 0.51 -2.08
N PRO A 145 0.46 0.10 -3.15
CA PRO A 145 0.60 0.85 -4.42
C PRO A 145 0.06 2.27 -4.31
N LYS A 146 -1.03 2.47 -3.58
CA LYS A 146 -1.57 3.82 -3.37
C LYS A 146 -0.50 4.77 -2.85
N GLY A 147 0.23 4.35 -1.81
CA GLY A 147 1.26 5.20 -1.23
C GLY A 147 2.48 5.39 -2.11
N ILE A 148 2.83 4.37 -2.90
CA ILE A 148 3.96 4.54 -3.83
C ILE A 148 3.64 5.64 -4.83
N VAL A 149 2.44 5.56 -5.42
CA VAL A 149 2.02 6.54 -6.44
C VAL A 149 1.87 7.94 -5.82
N GLU A 150 1.44 8.02 -4.56
CA GLU A 150 1.29 9.33 -3.88
C GLU A 150 2.67 9.95 -3.65
N LEU A 151 3.66 9.13 -3.33
CA LEU A 151 5.05 9.61 -3.14
C LEU A 151 5.48 10.32 -4.43
N LEU A 152 5.19 9.73 -5.58
CA LEU A 152 5.56 10.34 -6.86
C LEU A 152 4.73 11.59 -7.15
N ARG A 153 3.43 11.54 -6.86
CA ARG A 153 2.58 12.71 -7.07
C ARG A 153 3.04 13.88 -6.21
N ARG A 154 3.47 13.60 -4.98
CA ARG A 154 3.81 14.66 -4.03
C ARG A 154 5.09 15.39 -4.41
N TYR A 155 5.99 14.73 -5.15
CA TYR A 155 7.20 15.37 -5.63
C TYR A 155 7.08 15.81 -7.08
N ASN A 156 5.87 15.82 -7.64
CA ASN A 156 5.61 16.18 -9.03
C ASN A 156 6.60 15.51 -9.97
N ILE A 157 6.95 14.25 -9.70
CA ILE A 157 7.88 13.49 -10.53
C ILE A 157 7.32 13.39 -11.93
N PRO A 158 8.03 13.85 -12.96
CA PRO A 158 7.60 13.59 -14.34
C PRO A 158 7.47 12.08 -14.58
N THR A 159 6.32 11.66 -15.13
CA THR A 159 6.08 10.25 -15.41
C THR A 159 5.59 10.03 -16.83
N ARG A 160 4.94 11.03 -17.44
CA ARG A 160 4.43 10.83 -18.78
C ARG A 160 5.56 10.53 -19.75
N GLY A 161 5.38 9.48 -20.54
CA GLY A 161 6.37 9.09 -21.53
C GLY A 161 7.61 8.45 -20.97
N LYS A 162 7.64 8.17 -19.68
CA LYS A 162 8.80 7.60 -19.02
C LYS A 162 8.68 6.08 -18.95
N HIS A 163 9.82 5.40 -18.97
CA HIS A 163 9.86 3.94 -18.91
C HIS A 163 9.92 3.52 -17.45
N CYS A 164 8.84 2.89 -16.96
CA CYS A 164 8.78 2.41 -15.58
C CYS A 164 9.00 0.89 -15.57
N VAL A 165 10.08 0.45 -14.94
CA VAL A 165 10.44 -0.96 -14.84
C VAL A 165 10.04 -1.45 -13.45
N VAL A 166 9.14 -2.42 -13.42
CA VAL A 166 8.60 -2.96 -12.18
C VAL A 166 9.24 -4.32 -11.95
N LEU A 167 9.96 -4.48 -10.83
CA LEU A 167 10.68 -5.71 -10.51
C LEU A 167 9.78 -6.48 -9.55
N GLY A 168 9.07 -7.48 -10.09
CA GLY A 168 8.14 -8.22 -9.26
C GLY A 168 6.73 -8.18 -9.83
N ARG A 169 6.05 -9.31 -9.82
CA ARG A 169 4.68 -9.39 -10.32
C ARG A 169 3.72 -9.74 -9.20
N SER A 170 4.03 -9.29 -7.98
CA SER A 170 3.20 -9.64 -6.83
C SER A 170 1.84 -8.97 -6.91
N ASN A 171 0.87 -9.57 -6.24
CA ASN A 171 -0.49 -8.99 -6.17
C ASN A 171 -0.46 -7.79 -5.24
N ILE A 172 0.40 -7.83 -4.23
CA ILE A 172 0.41 -6.71 -3.24
C ILE A 172 1.05 -5.46 -3.84
N VAL A 173 1.96 -5.59 -4.81
CA VAL A 173 2.66 -4.37 -5.27
C VAL A 173 2.86 -4.30 -6.79
N GLY A 174 3.49 -5.31 -7.38
CA GLY A 174 3.91 -5.18 -8.77
C GLY A 174 2.75 -4.96 -9.74
N LYS A 175 1.72 -5.81 -9.63
CA LYS A 175 0.58 -5.67 -10.53
C LYS A 175 -0.18 -4.37 -10.30
N PRO A 176 -0.59 -3.99 -9.08
CA PRO A 176 -1.35 -2.73 -8.95
C PRO A 176 -0.54 -1.48 -9.26
N VAL A 177 0.74 -1.41 -8.88
CA VAL A 177 1.51 -0.21 -9.22
C VAL A 177 1.62 -0.08 -10.74
N SER A 178 1.82 -1.20 -11.43
CA SER A 178 1.85 -1.18 -12.89
C SER A 178 0.54 -0.63 -13.45
N GLN A 179 -0.59 -1.04 -12.87
CA GLN A 179 -1.88 -0.59 -13.38
C GLN A 179 -2.08 0.91 -13.13
N LEU A 180 -1.67 1.40 -11.97
CA LEU A 180 -1.80 2.83 -11.67
C LEU A 180 -0.94 3.67 -12.61
N LEU A 181 0.30 3.27 -12.85
CA LEU A 181 1.19 4.08 -13.66
C LEU A 181 0.96 3.89 -15.16
N LEU A 182 0.08 2.98 -15.54
CA LEU A 182 -0.39 2.86 -16.92
C LEU A 182 -1.63 3.71 -17.18
N GLN A 183 -2.21 4.29 -16.15
CA GLN A 183 -3.36 5.17 -16.36
C GLN A 183 -2.94 6.44 -17.09
N LYS A 184 -3.92 7.08 -17.73
CA LYS A 184 -3.66 8.34 -18.40
C LYS A 184 -3.40 9.46 -17.40
N GLY A 185 -2.59 10.41 -17.81
CA GLY A 185 -2.32 11.57 -16.96
C GLY A 185 -1.19 11.31 -16.00
N GLU A 186 -0.86 12.34 -15.24
CA GLU A 186 0.26 12.17 -14.32
C GLU A 186 -0.22 12.21 -12.87
N PRO A 187 0.34 11.38 -11.97
CA PRO A 187 1.33 10.34 -12.29
C PRO A 187 0.71 9.18 -13.07
N GLY A 188 1.45 8.71 -14.06
CA GLY A 188 0.93 7.73 -15.01
C GLY A 188 1.46 8.03 -16.41
N ASP A 189 0.81 7.43 -17.40
CA ASP A 189 1.26 7.49 -18.79
C ASP A 189 2.70 6.99 -18.93
N CYS A 190 3.12 6.08 -18.04
CA CYS A 190 4.39 5.39 -18.18
C CYS A 190 4.29 4.26 -19.19
N THR A 191 5.39 3.98 -19.88
CA THR A 191 5.54 2.69 -20.54
C THR A 191 6.01 1.69 -19.48
N ILE A 192 5.29 0.59 -19.32
CA ILE A 192 5.52 -0.32 -18.20
C ILE A 192 6.22 -1.59 -18.70
N THR A 193 7.32 -1.97 -18.05
CA THR A 193 7.89 -3.31 -18.21
C THR A 193 7.86 -3.99 -16.85
N ILE A 194 7.21 -5.14 -16.78
CA ILE A 194 7.15 -5.93 -15.54
C ILE A 194 8.10 -7.12 -15.69
N CYS A 195 9.02 -7.23 -14.74
CA CYS A 195 10.04 -8.26 -14.71
C CYS A 195 9.77 -9.23 -13.54
N HIS A 196 10.28 -10.45 -13.66
CA HIS A 196 10.09 -11.42 -12.58
C HIS A 196 11.19 -12.49 -12.69
N SER A 197 11.03 -13.58 -11.95
CA SER A 197 12.07 -14.64 -11.89
C SER A 197 12.44 -15.24 -13.26
N ARG A 198 11.55 -15.21 -14.24
CA ARG A 198 11.83 -15.77 -15.57
C ARG A 198 12.34 -14.71 -16.54
N THR A 199 12.47 -13.47 -16.10
CA THR A 199 13.03 -12.42 -16.98
C THR A 199 14.51 -12.69 -17.08
N PRO A 200 15.07 -13.02 -18.26
CA PRO A 200 16.48 -13.36 -18.37
C PRO A 200 17.48 -12.21 -18.38
N ASN A 201 17.03 -10.97 -18.59
CA ASN A 201 17.97 -9.87 -18.77
C ASN A 201 17.58 -8.68 -17.92
N ILE A 202 17.39 -8.90 -16.61
CA ILE A 202 16.84 -7.84 -15.76
C ILE A 202 17.76 -6.62 -15.74
N LYS A 203 19.09 -6.85 -15.70
CA LYS A 203 20.07 -5.73 -15.70
C LYS A 203 19.89 -4.86 -16.95
N GLU A 204 19.82 -5.51 -18.11
CA GLU A 204 19.64 -4.81 -19.41
C GLU A 204 18.35 -3.98 -19.36
N VAL A 205 17.29 -4.56 -18.83
CA VAL A 205 15.98 -3.86 -18.73
C VAL A 205 16.10 -2.66 -17.80
N CYS A 206 16.70 -2.82 -16.64
CA CYS A 206 16.81 -1.74 -15.68
C CYS A 206 17.63 -0.59 -16.23
N LEU A 207 18.60 -0.89 -17.10
CA LEU A 207 19.43 0.18 -17.65
C LEU A 207 18.66 1.08 -18.60
N THR A 208 17.45 0.68 -19.03
CA THR A 208 16.57 1.54 -19.81
C THR A 208 15.49 2.23 -18.98
N ALA A 209 15.50 2.07 -17.66
CA ALA A 209 14.42 2.57 -16.82
C ALA A 209 14.62 4.02 -16.42
N ASP A 210 13.57 4.83 -16.59
CA ASP A 210 13.51 6.11 -15.90
C ASP A 210 13.02 5.97 -14.47
N ILE A 211 12.16 4.99 -14.21
CA ILE A 211 11.66 4.71 -12.87
C ILE A 211 11.77 3.22 -12.63
N ILE A 212 12.28 2.83 -11.48
CA ILE A 212 12.39 1.43 -11.08
C ILE A 212 11.60 1.25 -9.81
N ILE A 213 10.68 0.30 -9.82
CA ILE A 213 9.95 -0.14 -8.63
C ILE A 213 10.56 -1.49 -8.24
N ALA A 214 11.35 -1.50 -7.17
CA ALA A 214 12.06 -2.71 -6.76
C ALA A 214 11.23 -3.40 -5.69
N ALA A 215 10.57 -4.50 -6.04
CA ALA A 215 9.64 -5.16 -5.12
C ALA A 215 9.83 -6.67 -5.18
N LEU A 216 11.07 -7.12 -5.28
CA LEU A 216 11.37 -8.55 -5.32
C LEU A 216 11.56 -9.16 -3.93
N GLY A 217 11.90 -8.37 -2.92
CA GLY A 217 12.21 -8.92 -1.63
C GLY A 217 13.55 -9.63 -1.56
N GLN A 218 14.55 -9.09 -2.26
CA GLN A 218 15.91 -9.65 -2.26
C GLN A 218 16.90 -8.54 -1.92
N PRO A 219 17.59 -8.59 -0.77
CA PRO A 219 18.53 -7.56 -0.38
C PRO A 219 19.63 -7.31 -1.42
N GLU A 220 19.92 -6.03 -1.63
CA GLU A 220 20.95 -5.55 -2.59
C GLU A 220 20.76 -6.21 -3.95
N PHE A 221 19.52 -6.41 -4.38
CA PHE A 221 19.32 -6.98 -5.73
C PHE A 221 19.70 -5.92 -6.76
N LEU A 222 19.31 -4.67 -6.51
CA LEU A 222 19.54 -3.58 -7.46
C LEU A 222 20.89 -2.93 -7.15
N THR A 223 21.81 -3.01 -8.11
CA THR A 223 23.15 -2.45 -7.95
C THR A 223 23.37 -1.33 -8.95
N ALA A 224 24.46 -0.58 -8.72
CA ALA A 224 24.69 0.65 -9.48
C ALA A 224 24.87 0.38 -10.97
N ASP A 225 25.42 -0.79 -11.33
CA ASP A 225 25.61 -1.10 -12.75
C ASP A 225 24.31 -1.40 -13.47
N MET A 226 23.18 -1.41 -12.76
CA MET A 226 21.88 -1.64 -13.37
C MET A 226 21.08 -0.36 -13.53
N VAL A 227 21.58 0.77 -13.02
CA VAL A 227 20.78 1.98 -12.87
C VAL A 227 21.32 3.08 -13.79
N LYS A 228 20.45 3.64 -14.61
CA LYS A 228 20.79 4.71 -15.54
C LYS A 228 20.83 6.03 -14.77
N PRO A 229 21.85 6.87 -14.98
CA PRO A 229 21.92 8.12 -14.23
C PRO A 229 20.67 8.97 -14.38
N GLY A 230 20.21 9.52 -13.25
CA GLY A 230 18.99 10.27 -13.21
C GLY A 230 17.75 9.48 -12.88
N ALA A 231 17.86 8.17 -12.62
CA ALA A 231 16.68 7.34 -12.46
C ALA A 231 15.96 7.67 -11.15
N VAL A 232 14.65 7.41 -11.12
CA VAL A 232 13.87 7.46 -9.88
C VAL A 232 13.71 6.02 -9.40
N VAL A 233 14.12 5.76 -8.16
CA VAL A 233 14.14 4.41 -7.63
C VAL A 233 13.27 4.35 -6.38
N VAL A 234 12.26 3.46 -6.42
CA VAL A 234 11.35 3.20 -5.31
C VAL A 234 11.68 1.82 -4.77
N ASP A 235 12.03 1.75 -3.49
CA ASP A 235 12.49 0.50 -2.88
C ASP A 235 11.37 -0.02 -1.99
N VAL A 236 10.70 -1.08 -2.44
CA VAL A 236 9.59 -1.66 -1.68
C VAL A 236 10.03 -2.84 -0.82
N GLY A 237 11.27 -3.30 -0.94
CA GLY A 237 11.72 -4.44 -0.17
C GLY A 237 11.76 -4.15 1.32
N THR A 238 11.57 -5.21 2.11
CA THR A 238 11.52 -5.17 3.57
C THR A 238 12.10 -6.49 4.06
N THR A 239 13.42 -6.54 4.19
CA THR A 239 14.12 -7.75 4.66
C THR A 239 14.98 -7.42 5.89
N LEU A 240 14.85 -8.22 6.94
CA LEU A 240 15.69 -8.05 8.16
C LEU A 240 16.98 -8.82 7.92
N VAL A 241 18.12 -8.13 7.93
CA VAL A 241 19.44 -8.76 7.66
C VAL A 241 20.38 -8.52 8.84
N PRO A 242 21.46 -9.31 9.02
CA PRO A 242 22.44 -9.09 10.09
C PRO A 242 23.29 -7.84 9.86
N ARG A 251 19.22 -5.32 10.97
CA ARG A 251 18.89 -4.14 10.20
C ARG A 251 17.85 -4.43 9.14
N LEU A 252 16.89 -3.53 8.98
CA LEU A 252 15.88 -3.66 7.93
C LEU A 252 16.36 -2.91 6.69
N THR A 253 16.50 -3.63 5.57
CA THR A 253 16.93 -3.04 4.31
C THR A 253 15.90 -3.34 3.23
N GLY A 254 16.07 -2.66 2.08
CA GLY A 254 15.27 -2.90 0.92
C GLY A 254 16.00 -3.72 -0.13
N ASP A 255 15.49 -3.67 -1.36
CA ASP A 255 16.09 -4.41 -2.46
C ASP A 255 17.27 -3.68 -3.09
N VAL A 256 17.53 -2.44 -2.72
CA VAL A 256 18.48 -1.57 -3.41
C VAL A 256 19.78 -1.48 -2.60
N LYS A 257 20.92 -1.63 -3.26
CA LYS A 257 22.20 -1.34 -2.62
C LYS A 257 22.35 0.18 -2.59
N PHE A 258 21.74 0.80 -1.60
CA PHE A 258 21.63 2.28 -1.49
C PHE A 258 22.96 2.99 -1.65
N ASP A 259 24.01 2.50 -1.00
CA ASP A 259 25.33 3.17 -0.99
C ASP A 259 25.81 3.52 -2.40
N GLU A 260 25.70 2.60 -3.36
CA GLU A 260 26.22 2.89 -4.72
C GLU A 260 25.10 3.27 -5.68
N VAL A 261 23.86 2.95 -5.38
CA VAL A 261 22.78 3.29 -6.29
C VAL A 261 22.32 4.73 -6.09
N ALA A 262 22.09 5.13 -4.84
CA ALA A 262 21.54 6.46 -4.58
C ALA A 262 22.31 7.60 -5.25
N PRO A 263 23.65 7.61 -5.30
CA PRO A 263 24.34 8.71 -5.99
C PRO A 263 24.00 8.83 -7.46
N LYS A 264 23.51 7.78 -8.10
CA LYS A 264 23.15 7.83 -9.51
C LYS A 264 21.73 8.33 -9.76
N CYS A 265 20.93 8.46 -8.72
CA CYS A 265 19.50 8.69 -8.87
C CYS A 265 19.19 10.18 -8.82
N SER A 266 18.14 10.59 -9.53
CA SER A 266 17.53 11.88 -9.23
C SER A 266 16.78 11.82 -7.92
N TYR A 267 16.01 10.75 -7.71
CA TYR A 267 15.21 10.57 -6.50
C TYR A 267 15.23 9.10 -6.11
N ILE A 268 15.24 8.84 -4.80
CA ILE A 268 15.28 7.48 -4.29
C ILE A 268 14.66 7.43 -2.90
N THR A 269 13.91 6.36 -2.63
CA THR A 269 13.34 6.09 -1.31
C THR A 269 14.37 5.41 -0.43
N PRO A 270 14.55 5.87 0.82
CA PRO A 270 15.33 5.10 1.79
C PRO A 270 14.50 3.96 2.36
N VAL A 271 15.20 2.95 2.89
CA VAL A 271 14.59 1.89 3.69
C VAL A 271 15.37 1.82 5.00
N PRO A 272 14.76 2.09 6.15
CA PRO A 272 13.35 2.48 6.31
C PRO A 272 13.12 3.95 6.01
N GLY A 273 11.91 4.43 6.25
CA GLY A 273 11.57 5.84 6.03
C GLY A 273 11.06 6.16 4.65
N GLY A 274 10.78 5.15 3.83
CA GLY A 274 10.30 5.43 2.46
C GLY A 274 8.88 4.95 2.22
N VAL A 275 8.75 3.79 1.63
CA VAL A 275 7.42 3.23 1.27
C VAL A 275 6.65 2.85 2.53
N GLY A 276 7.33 2.31 3.53
CA GLY A 276 6.69 1.84 4.74
C GLY A 276 5.67 2.78 5.34
N PRO A 277 6.08 4.01 5.68
CA PRO A 277 5.12 4.98 6.24
C PRO A 277 4.03 5.39 5.26
N MET A 278 4.29 5.34 3.95
CA MET A 278 3.26 5.71 3.00
C MET A 278 2.16 4.65 2.94
N THR A 279 2.54 3.39 3.08
CA THR A 279 1.57 2.33 3.09
C THR A 279 0.59 2.50 4.25
N ILE A 280 1.13 2.69 5.45
CA ILE A 280 0.27 2.82 6.64
C ILE A 280 -0.66 4.02 6.49
N VAL A 281 -0.10 5.18 6.13
CA VAL A 281 -0.95 6.37 6.04
C VAL A 281 -1.91 6.28 4.87
N SER A 282 -1.60 5.50 3.84
CA SER A 282 -2.58 5.34 2.76
C SER A 282 -3.79 4.55 3.23
N LEU A 283 -3.58 3.56 4.08
CA LEU A 283 -4.72 2.88 4.69
C LEU A 283 -5.58 3.87 5.47
N MET A 284 -4.94 4.78 6.22
CA MET A 284 -5.69 5.81 6.93
C MET A 284 -6.51 6.67 5.97
N SER A 285 -5.92 7.07 4.84
CA SER A 285 -6.65 7.90 3.88
C SER A 285 -7.86 7.18 3.31
N ASN A 286 -7.71 5.89 2.96
CA ASN A 286 -8.85 5.12 2.46
C ASN A 286 -9.96 5.06 3.51
N THR A 287 -9.58 4.95 4.78
CA THR A 287 -10.59 4.93 5.85
C THR A 287 -11.34 6.26 5.94
N LEU A 288 -10.61 7.37 5.87
CA LEU A 288 -11.27 8.67 5.83
C LEU A 288 -12.20 8.80 4.63
N LEU A 289 -11.75 8.35 3.46
CA LEU A 289 -12.59 8.40 2.28
C LEU A 289 -13.84 7.55 2.49
N ALA A 290 -13.67 6.34 3.03
CA ALA A 290 -14.82 5.48 3.30
C ALA A 290 -15.80 6.17 4.24
N SER A 291 -15.28 6.85 5.27
CA SER A 291 -16.16 7.53 6.22
C SER A 291 -16.99 8.61 5.53
N LYS A 292 -16.46 9.21 4.48
CA LYS A 292 -17.18 10.21 3.71
C LYS A 292 -17.87 9.62 2.48
N GLY A 293 -18.03 8.29 2.45
CA GLY A 293 -18.71 7.59 1.35
C GLY A 293 -18.00 7.73 0.01
N LEU A 294 -16.68 7.81 0.03
CA LEU A 294 -15.88 8.00 -1.21
C LEU A 294 -14.94 6.82 -1.41
N TYR A 295 -14.42 6.70 -2.64
CA TYR A 295 -13.42 5.67 -3.03
C TYR A 295 -12.14 6.41 -3.46
N ARG A 296 -12.31 7.60 -4.02
CA ARG A 296 -11.18 8.40 -4.56
C ARG A 296 -10.41 7.61 -5.60
#